data_5CYV
#
_entry.id   5CYV
#
_cell.length_a   64.145
_cell.length_b   134.385
_cell.length_c   73.336
_cell.angle_alpha   90.00
_cell.angle_beta   90.00
_cell.angle_gamma   90.00
#
_symmetry.space_group_name_H-M   'C 2 2 21'
#
loop_
_entity.id
_entity.type
_entity.pdbx_description
1 polymer 'Transcriptional regulator'
2 non-polymer 'MAGNESIUM ION'
3 non-polymer 'ACETATE ION'
4 non-polymer 'CHLORIDE ION'
5 non-polymer p-coumaroyl-CoA
6 water water
#
_entity_poly.entity_id   1
_entity_poly.type   'polypeptide(L)'
_entity_poly.pdbx_seq_one_letter_code
;MAESQALSDDIGFLLSRVGGMVLGAVNKALVPTGLRVRSYSVLVLACEQAEGVNQRGVAATMGLDPSQIVGLVDELEERG
LVVRTLDPSDRRNKLIAATEEGRRLRDDAKARVDAAHGRYFEGIPDTVVNQMRDTLQSIAFPTFVE
;
_entity_poly.pdbx_strand_id   A,B
#
loop_
_chem_comp.id
_chem_comp.type
_chem_comp.name
_chem_comp.formula
ACT non-polymer 'ACETATE ION' 'C2 H3 O2 -1'
CL non-polymer 'CHLORIDE ION' 'Cl -1'
MG non-polymer 'MAGNESIUM ION' 'Mg 2'
WCA non-polymer p-coumaroyl-CoA 'C30 H42 N7 O18 P3 S'
#
# COMPACT_ATOMS: atom_id res chain seq x y z
N SER A 4 10.45 -10.58 15.87
CA SER A 4 11.14 -10.61 14.55
C SER A 4 11.34 -9.26 13.90
N GLN A 5 12.55 -9.03 13.43
CA GLN A 5 12.83 -7.79 12.73
CA GLN A 5 12.86 -7.80 12.73
C GLN A 5 12.81 -7.98 11.21
N ALA A 6 12.40 -9.16 10.73
CA ALA A 6 12.36 -9.46 9.26
C ALA A 6 11.40 -8.56 8.55
N LEU A 7 11.72 -8.16 7.32
CA LEU A 7 10.80 -7.27 6.56
C LEU A 7 9.44 -7.91 6.33
N SER A 8 9.45 -9.22 6.09
CA SER A 8 8.18 -9.87 5.74
C SER A 8 7.32 -10.02 6.99
N ASP A 9 7.83 -9.77 8.18
CA ASP A 9 7.02 -9.75 9.42
C ASP A 9 6.63 -8.34 9.83
N ASP A 10 7.04 -7.34 9.03
CA ASP A 10 6.84 -5.96 9.49
C ASP A 10 5.45 -5.49 9.13
N ILE A 11 4.68 -5.01 10.07
CA ILE A 11 3.28 -4.71 9.78
C ILE A 11 3.16 -3.55 8.78
N GLY A 12 4.08 -2.58 8.86
CA GLY A 12 4.01 -1.50 7.87
C GLY A 12 4.26 -1.96 6.45
N PHE A 13 5.24 -2.84 6.30
CA PHE A 13 5.54 -3.40 4.98
C PHE A 13 4.33 -4.17 4.48
N LEU A 14 3.77 -4.99 5.38
CA LEU A 14 2.63 -5.80 4.97
C LEU A 14 1.42 -4.97 4.57
N LEU A 15 1.10 -3.93 5.37
CA LEU A 15 -0.01 -3.09 5.00
C LEU A 15 0.20 -2.38 3.67
N SER A 16 1.41 -1.86 3.43
CA SER A 16 1.67 -1.21 2.17
C SER A 16 1.60 -2.19 1.05
N ARG A 17 2.13 -3.40 1.26
CA ARG A 17 2.11 -4.41 0.21
C ARG A 17 0.69 -4.85 -0.11
N VAL A 18 -0.10 -5.16 0.90
CA VAL A 18 -1.49 -5.64 0.64
C VAL A 18 -2.34 -4.47 0.11
N GLY A 19 -2.07 -3.25 0.58
CA GLY A 19 -2.79 -2.06 0.03
C GLY A 19 -2.50 -1.93 -1.44
N GLY A 20 -1.26 -2.18 -1.89
CA GLY A 20 -0.96 -2.02 -3.28
C GLY A 20 -1.51 -3.16 -4.12
N MET A 21 -1.53 -4.38 -3.55
CA MET A 21 -2.18 -5.54 -4.20
C MET A 21 -3.66 -5.27 -4.44
N VAL A 22 -4.34 -4.76 -3.41
CA VAL A 22 -5.75 -4.41 -3.54
C VAL A 22 -5.96 -3.29 -4.57
N LEU A 23 -5.13 -2.26 -4.51
CA LEU A 23 -5.21 -1.16 -5.47
C LEU A 23 -5.09 -1.68 -6.91
N GLY A 24 -4.08 -2.52 -7.16
CA GLY A 24 -3.89 -3.06 -8.49
C GLY A 24 -5.08 -3.91 -8.92
N ALA A 25 -5.60 -4.75 -8.00
CA ALA A 25 -6.69 -5.63 -8.36
C ALA A 25 -7.96 -4.86 -8.64
N VAL A 26 -8.18 -3.80 -7.83
CA VAL A 26 -9.37 -3.00 -8.02
C VAL A 26 -9.24 -2.20 -9.31
N ASN A 27 -8.05 -1.63 -9.60
CA ASN A 27 -7.91 -0.98 -10.90
C ASN A 27 -8.19 -1.93 -12.07
N LYS A 28 -7.70 -3.17 -11.95
CA LYS A 28 -7.94 -4.16 -13.01
C LYS A 28 -9.44 -4.43 -13.17
N ALA A 29 -10.11 -4.60 -12.02
CA ALA A 29 -11.55 -4.89 -12.04
C ALA A 29 -12.35 -3.72 -12.56
N LEU A 30 -11.82 -2.53 -12.33
CA LEU A 30 -12.57 -1.33 -12.79
C LEU A 30 -12.39 -1.01 -14.27
N VAL A 31 -11.53 -1.73 -14.98
CA VAL A 31 -11.28 -1.33 -16.35
C VAL A 31 -12.57 -1.14 -17.23
N PRO A 32 -13.56 -2.08 -17.20
CA PRO A 32 -14.78 -1.91 -18.01
C PRO A 32 -15.57 -0.64 -17.68
N THR A 33 -15.35 -0.07 -16.49
CA THR A 33 -16.09 1.11 -16.05
C THR A 33 -15.43 2.38 -16.44
N GLY A 34 -14.17 2.30 -16.89
CA GLY A 34 -13.39 3.50 -17.18
C GLY A 34 -12.82 4.24 -15.97
N LEU A 35 -13.13 3.79 -14.76
CA LEU A 35 -12.67 4.43 -13.53
C LEU A 35 -11.34 3.81 -13.08
N ARG A 36 -10.58 4.54 -12.28
CA ARG A 36 -9.46 3.95 -11.49
C ARG A 36 -9.75 4.24 -10.05
N VAL A 37 -8.93 3.74 -9.13
CA VAL A 37 -9.35 3.81 -7.75
C VAL A 37 -9.69 5.22 -7.22
N ARG A 38 -8.93 6.23 -7.62
CA ARG A 38 -9.21 7.58 -7.05
C ARG A 38 -10.48 8.16 -7.64
N SER A 39 -10.73 7.96 -8.94
CA SER A 39 -11.97 8.52 -9.45
C SER A 39 -13.17 7.73 -8.98
N TYR A 40 -13.05 6.41 -8.88
CA TYR A 40 -14.05 5.61 -8.20
C TYR A 40 -14.37 6.12 -6.80
N SER A 41 -13.32 6.42 -6.04
CA SER A 41 -13.54 6.85 -4.65
C SER A 41 -14.32 8.17 -4.57
N VAL A 42 -13.92 9.17 -5.36
CA VAL A 42 -14.69 10.41 -5.42
C VAL A 42 -16.18 10.14 -5.78
N LEU A 43 -16.39 9.30 -6.81
CA LEU A 43 -17.77 8.99 -7.22
C LEU A 43 -18.57 8.32 -6.05
N VAL A 44 -17.92 7.38 -5.32
CA VAL A 44 -18.63 6.72 -4.22
C VAL A 44 -18.98 7.75 -3.17
N LEU A 45 -18.00 8.59 -2.84
CA LEU A 45 -18.32 9.59 -1.83
C LEU A 45 -19.47 10.54 -2.25
N ALA A 46 -19.49 10.91 -3.52
CA ALA A 46 -20.58 11.77 -3.99
C ALA A 46 -21.93 11.06 -3.91
N CYS A 47 -21.90 9.76 -4.21
CA CYS A 47 -23.15 9.05 -4.24
C CYS A 47 -23.72 8.72 -2.87
N GLU A 48 -22.94 8.96 -1.82
CA GLU A 48 -23.43 8.68 -0.47
C GLU A 48 -24.51 9.64 0.03
N GLN A 49 -24.67 10.76 -0.64
CA GLN A 49 -25.56 11.85 -0.29
C GLN A 49 -26.47 12.16 -1.47
N ALA A 50 -27.63 12.77 -1.22
CA ALA A 50 -28.47 13.30 -2.28
C ALA A 50 -27.80 14.52 -2.93
N GLU A 51 -27.65 15.58 -2.15
CA GLU A 51 -27.03 16.79 -2.66
C GLU A 51 -25.55 16.56 -2.70
N GLY A 52 -24.85 17.51 -3.29
CA GLY A 52 -23.42 17.27 -3.46
C GLY A 52 -22.66 17.24 -2.15
N VAL A 53 -21.51 16.57 -2.16
CA VAL A 53 -20.65 16.46 -1.00
C VAL A 53 -19.53 17.47 -1.07
N ASN A 54 -19.08 17.91 0.10
CA ASN A 54 -18.07 18.93 0.21
C ASN A 54 -16.73 18.43 -0.34
N GLN A 55 -16.15 19.16 -1.29
CA GLN A 55 -14.90 18.75 -1.91
C GLN A 55 -13.73 18.68 -0.91
N ARG A 56 -13.71 19.58 0.04
CA ARG A 56 -12.77 19.59 1.15
C ARG A 56 -12.80 18.29 1.91
N GLY A 57 -14.04 17.86 2.16
CA GLY A 57 -14.24 16.66 2.92
C GLY A 57 -13.82 15.41 2.16
N VAL A 58 -14.11 15.40 0.85
CA VAL A 58 -13.65 14.32 -0.01
C VAL A 58 -12.12 14.18 0.04
N ALA A 59 -11.42 15.32 -0.06
CA ALA A 59 -9.96 15.30 -0.03
C ALA A 59 -9.46 14.72 1.30
N ALA A 60 -10.06 15.19 2.40
CA ALA A 60 -9.66 14.71 3.72
C ALA A 60 -9.89 13.23 3.87
N THR A 61 -11.04 12.75 3.43
CA THR A 61 -11.35 11.33 3.54
C THR A 61 -10.33 10.49 2.79
N MET A 62 -9.97 10.95 1.59
CA MET A 62 -9.04 10.22 0.73
C MET A 62 -7.58 10.47 1.07
N GLY A 63 -7.28 11.40 1.98
CA GLY A 63 -5.90 11.65 2.37
C GLY A 63 -5.11 12.34 1.24
N LEU A 64 -5.83 13.16 0.49
CA LEU A 64 -5.27 13.99 -0.60
C LEU A 64 -5.47 15.46 -0.36
N ASP A 65 -4.69 16.29 -1.06
CA ASP A 65 -4.90 17.72 -1.07
C ASP A 65 -6.09 18.05 -1.96
N PRO A 66 -6.80 19.12 -1.65
CA PRO A 66 -7.93 19.47 -2.53
C PRO A 66 -7.52 19.67 -4.00
N SER A 67 -6.31 20.14 -4.23
CA SER A 67 -5.86 20.31 -5.60
C SER A 67 -5.83 19.01 -6.37
N GLN A 68 -5.61 17.88 -5.70
CA GLN A 68 -5.69 16.63 -6.41
C GLN A 68 -7.13 16.22 -6.73
N ILE A 69 -8.06 16.60 -5.87
CA ILE A 69 -9.44 16.19 -6.11
C ILE A 69 -9.99 16.95 -7.35
N VAL A 70 -9.49 18.16 -7.58
CA VAL A 70 -9.99 18.95 -8.74
C VAL A 70 -9.91 18.16 -10.04
N GLY A 71 -8.76 17.56 -10.33
CA GLY A 71 -8.65 16.83 -11.59
C GLY A 71 -9.53 15.59 -11.64
N LEU A 72 -9.75 14.95 -10.49
CA LEU A 72 -10.64 13.78 -10.45
C LEU A 72 -12.09 14.19 -10.75
N VAL A 73 -12.48 15.34 -10.20
CA VAL A 73 -13.82 15.88 -10.47
C VAL A 73 -13.93 16.21 -11.98
N ASP A 74 -12.88 16.83 -12.59
CA ASP A 74 -12.93 17.09 -14.02
C ASP A 74 -13.10 15.78 -14.83
N GLU A 75 -12.36 14.75 -14.43
CA GLU A 75 -12.45 13.42 -15.06
C GLU A 75 -13.87 12.87 -15.03
N LEU A 76 -14.51 12.97 -13.87
CA LEU A 76 -15.88 12.45 -13.69
C LEU A 76 -16.88 13.31 -14.47
N GLU A 77 -16.66 14.63 -14.47
CA GLU A 77 -17.55 15.51 -15.24
C GLU A 77 -17.42 15.30 -16.76
N GLU A 78 -16.24 14.84 -17.26
CA GLU A 78 -16.05 14.50 -18.67
C GLU A 78 -17.09 13.46 -19.12
N ARG A 79 -17.50 12.65 -18.15
CA ARG A 79 -18.48 11.59 -18.48
C ARG A 79 -19.83 11.79 -17.88
N GLY A 80 -20.11 12.99 -17.40
CA GLY A 80 -21.43 13.33 -16.89
C GLY A 80 -21.79 12.53 -15.63
N LEU A 81 -20.80 12.15 -14.82
CA LEU A 81 -21.01 11.29 -13.65
C LEU A 81 -21.20 12.11 -12.39
N VAL A 82 -20.67 13.34 -12.40
CA VAL A 82 -20.89 14.28 -11.32
C VAL A 82 -21.00 15.64 -11.92
N VAL A 83 -21.57 16.55 -11.15
CA VAL A 83 -21.59 17.94 -11.52
C VAL A 83 -21.00 18.72 -10.36
N ARG A 84 -20.06 19.59 -10.67
CA ARG A 84 -19.41 20.42 -9.66
C ARG A 84 -20.23 21.68 -9.46
N THR A 85 -20.61 21.96 -8.22
CA THR A 85 -21.41 23.11 -7.95
C THR A 85 -20.78 23.95 -6.82
N LEU A 86 -21.31 25.13 -6.57
CA LEU A 86 -20.78 25.92 -5.48
C LEU A 86 -21.65 25.71 -4.25
N ARG A 92 -17.12 29.95 -1.97
CA ARG A 92 -15.71 29.57 -2.06
C ARG A 92 -15.76 28.07 -1.91
N ASN A 93 -16.80 27.65 -1.21
CA ASN A 93 -17.12 26.24 -0.94
C ASN A 93 -17.50 25.51 -2.26
N LYS A 94 -16.95 24.33 -2.49
CA LYS A 94 -17.20 23.55 -3.70
C LYS A 94 -17.83 22.21 -3.36
N LEU A 95 -18.92 21.82 -4.01
CA LEU A 95 -19.55 20.53 -3.75
C LEU A 95 -19.63 19.68 -4.99
N ILE A 96 -19.69 18.37 -4.79
CA ILE A 96 -19.60 17.45 -5.87
C ILE A 96 -20.84 16.60 -5.84
N ALA A 97 -21.70 16.78 -6.82
CA ALA A 97 -23.03 16.17 -6.75
C ALA A 97 -23.11 15.06 -7.77
N ALA A 98 -23.49 13.88 -7.35
CA ALA A 98 -23.60 12.81 -8.32
C ALA A 98 -24.83 12.95 -9.22
N THR A 99 -24.69 12.45 -10.46
CA THR A 99 -25.81 12.42 -11.39
C THR A 99 -26.47 11.04 -11.36
N GLU A 100 -27.61 10.89 -12.04
CA GLU A 100 -28.27 9.58 -12.10
C GLU A 100 -27.37 8.60 -12.80
N GLU A 101 -26.70 9.03 -13.86
CA GLU A 101 -25.71 8.15 -14.50
C GLU A 101 -24.53 7.81 -13.62
N GLY A 102 -24.07 8.79 -12.83
CA GLY A 102 -23.06 8.51 -11.84
C GLY A 102 -23.46 7.42 -10.86
N ARG A 103 -24.70 7.46 -10.42
CA ARG A 103 -25.18 6.54 -9.41
C ARG A 103 -25.29 5.14 -10.00
N ARG A 104 -25.78 5.06 -11.25
CA ARG A 104 -25.83 3.79 -11.94
C ARG A 104 -24.43 3.19 -12.11
N LEU A 105 -23.45 3.97 -12.59
CA LEU A 105 -22.08 3.44 -12.77
C LEU A 105 -21.45 3.05 -11.45
N ARG A 106 -21.72 3.82 -10.39
CA ARG A 106 -21.23 3.49 -9.05
C ARG A 106 -21.67 2.09 -8.61
N ASP A 107 -22.91 1.74 -8.88
CA ASP A 107 -23.36 0.40 -8.53
C ASP A 107 -22.67 -0.72 -9.31
N ASP A 108 -22.53 -0.51 -10.61
CA ASP A 108 -21.80 -1.49 -11.41
C ASP A 108 -20.32 -1.63 -10.97
N ALA A 109 -19.67 -0.49 -10.75
CA ALA A 109 -18.29 -0.55 -10.31
C ALA A 109 -18.17 -1.25 -8.95
N LYS A 110 -19.06 -0.94 -8.02
CA LYS A 110 -18.92 -1.51 -6.67
C LYS A 110 -19.04 -3.04 -6.69
N ALA A 111 -19.88 -3.60 -7.56
CA ALA A 111 -19.94 -5.04 -7.63
C ALA A 111 -18.58 -5.65 -8.10
N ARG A 112 -17.88 -4.94 -8.97
CA ARG A 112 -16.55 -5.39 -9.45
C ARG A 112 -15.53 -5.23 -8.37
N VAL A 113 -15.66 -4.14 -7.62
CA VAL A 113 -14.74 -3.85 -6.54
C VAL A 113 -14.93 -4.87 -5.43
N ASP A 114 -16.18 -5.16 -5.06
CA ASP A 114 -16.42 -6.19 -4.04
C ASP A 114 -15.81 -7.53 -4.42
N ALA A 115 -15.96 -7.92 -5.67
CA ALA A 115 -15.42 -9.19 -6.14
C ALA A 115 -13.91 -9.21 -6.05
N ALA A 116 -13.28 -8.11 -6.44
CA ALA A 116 -11.82 -8.02 -6.37
C ALA A 116 -11.43 -8.26 -4.91
N HIS A 117 -12.21 -7.68 -3.98
CA HIS A 117 -12.04 -7.98 -2.53
C HIS A 117 -12.23 -9.43 -2.21
N GLY A 118 -13.37 -9.95 -2.64
CA GLY A 118 -13.75 -11.31 -2.35
C GLY A 118 -12.60 -12.21 -2.66
N ARG A 119 -11.85 -11.91 -3.71
CA ARG A 119 -10.78 -12.81 -4.11
C ARG A 119 -9.64 -12.82 -3.10
N TYR A 120 -9.33 -11.68 -2.51
CA TYR A 120 -8.23 -11.60 -1.58
C TYR A 120 -8.63 -12.02 -0.18
N PHE A 121 -9.88 -11.87 0.18
CA PHE A 121 -10.25 -12.21 1.56
CA PHE A 121 -10.33 -12.15 1.54
C PHE A 121 -11.02 -13.51 1.69
N GLU A 122 -11.01 -14.30 0.62
CA GLU A 122 -11.72 -15.57 0.74
C GLU A 122 -11.02 -16.39 1.82
N GLY A 123 -11.84 -17.02 2.66
CA GLY A 123 -11.31 -17.85 3.71
C GLY A 123 -10.95 -17.05 4.95
N ILE A 124 -11.14 -15.73 4.88
CA ILE A 124 -10.94 -14.88 6.05
C ILE A 124 -12.32 -14.49 6.58
N PRO A 125 -12.64 -14.89 7.84
CA PRO A 125 -14.00 -14.65 8.33
C PRO A 125 -14.33 -13.17 8.59
N ASP A 126 -15.62 -12.89 8.62
CA ASP A 126 -16.06 -11.51 8.81
C ASP A 126 -15.60 -10.95 10.13
N THR A 127 -15.49 -11.78 11.19
CA THR A 127 -14.96 -11.27 12.45
C THR A 127 -13.58 -10.69 12.30
N VAL A 128 -12.75 -11.30 11.44
CA VAL A 128 -11.40 -10.75 11.23
C VAL A 128 -11.44 -9.49 10.39
N VAL A 129 -12.24 -9.51 9.34
CA VAL A 129 -12.41 -8.29 8.54
C VAL A 129 -12.93 -7.14 9.39
N ASN A 130 -13.89 -7.41 10.27
CA ASN A 130 -14.47 -6.33 11.09
C ASN A 130 -13.41 -5.72 12.01
N GLN A 131 -12.58 -6.52 12.64
CA GLN A 131 -11.54 -5.98 13.47
C GLN A 131 -10.53 -5.20 12.65
N MET A 132 -10.15 -5.74 11.50
CA MET A 132 -9.25 -4.96 10.61
C MET A 132 -9.84 -3.63 10.22
N ARG A 133 -11.15 -3.64 9.91
CA ARG A 133 -11.79 -2.38 9.53
C ARG A 133 -11.68 -1.36 10.65
N ASP A 134 -12.01 -1.74 11.86
CA ASP A 134 -11.94 -0.84 12.97
C ASP A 134 -10.53 -0.31 13.18
N THR A 135 -9.54 -1.20 13.10
CA THR A 135 -8.17 -0.79 13.34
C THR A 135 -7.70 0.19 12.29
N LEU A 136 -8.01 -0.13 11.03
CA LEU A 136 -7.57 0.79 9.96
C LEU A 136 -8.27 2.15 10.04
N GLN A 137 -9.54 2.15 10.44
CA GLN A 137 -10.26 3.41 10.61
C GLN A 137 -9.61 4.21 11.74
N SER A 138 -9.16 3.53 12.81
CA SER A 138 -8.55 4.27 13.91
C SER A 138 -7.23 4.94 13.49
N ILE A 139 -6.58 4.37 12.47
CA ILE A 139 -5.32 4.95 11.97
C ILE A 139 -5.57 6.07 10.99
N ALA A 140 -6.47 5.85 10.06
CA ALA A 140 -6.72 6.84 9.03
C ALA A 140 -7.52 8.03 9.56
N PHE A 141 -8.40 7.78 10.53
CA PHE A 141 -9.32 8.79 11.04
C PHE A 141 -9.24 8.89 12.59
N PRO A 142 -8.07 9.27 13.12
CA PRO A 142 -7.99 9.37 14.59
C PRO A 142 -8.81 10.52 15.21
N THR A 143 -9.08 10.42 16.52
CA THR A 143 -9.91 11.40 17.25
C THR A 143 -9.19 12.75 17.41
N PHE A 144 -7.87 12.67 17.55
CA PHE A 144 -7.03 13.85 17.52
C PHE A 144 -5.64 13.43 17.05
N VAL A 145 -4.84 14.44 16.71
CA VAL A 145 -3.50 14.20 16.23
C VAL A 145 -2.49 14.15 17.36
N GLU A 146 -1.86 12.98 17.49
CA GLU A 146 -0.95 12.75 18.60
C GLU A 146 0.39 13.41 18.30
N SER B 4 -22.38 -1.98 4.48
CA SER B 4 -22.28 -0.52 4.33
C SER B 4 -21.84 -0.08 2.94
N GLN B 5 -22.51 0.95 2.45
CA GLN B 5 -22.15 1.53 1.18
C GLN B 5 -21.06 2.59 1.33
N ALA B 6 -20.68 2.92 2.56
CA ALA B 6 -19.80 4.06 2.76
C ALA B 6 -18.36 3.67 2.39
N LEU B 7 -17.70 4.56 1.66
CA LEU B 7 -16.31 4.29 1.23
C LEU B 7 -15.40 3.98 2.45
N SER B 8 -15.67 4.74 3.53
CA SER B 8 -14.81 4.63 4.73
C SER B 8 -15.02 3.29 5.41
N ASP B 9 -16.03 2.52 5.01
CA ASP B 9 -16.22 1.14 5.56
C ASP B 9 -15.69 0.07 4.60
N ASP B 10 -15.18 0.45 3.44
CA ASP B 10 -14.70 -0.49 2.45
C ASP B 10 -13.30 -0.95 2.90
N ILE B 11 -13.12 -2.23 3.22
CA ILE B 11 -11.83 -2.70 3.73
C ILE B 11 -10.73 -2.53 2.69
N GLY B 12 -11.07 -2.59 1.40
CA GLY B 12 -10.03 -2.43 0.36
C GLY B 12 -9.58 -0.99 0.36
N PHE B 13 -10.53 -0.07 0.41
CA PHE B 13 -10.17 1.34 0.52
C PHE B 13 -9.30 1.59 1.72
N LEU B 14 -9.68 1.05 2.88
CA LEU B 14 -8.91 1.32 4.06
C LEU B 14 -7.49 0.75 4.00
N LEU B 15 -7.33 -0.44 3.40
CA LEU B 15 -5.99 -1.00 3.21
C LEU B 15 -5.17 -0.07 2.33
N SER B 16 -5.71 0.36 1.20
CA SER B 16 -4.93 1.22 0.31
C SER B 16 -4.70 2.57 1.00
N ARG B 17 -5.69 3.08 1.73
CA ARG B 17 -5.54 4.35 2.41
C ARG B 17 -4.42 4.31 3.46
N VAL B 18 -4.47 3.35 4.34
CA VAL B 18 -3.41 3.26 5.35
C VAL B 18 -2.10 2.80 4.74
N GLY B 19 -2.12 1.86 3.79
CA GLY B 19 -0.89 1.51 3.09
C GLY B 19 -0.19 2.71 2.46
N GLY B 20 -1.02 3.60 1.91
CA GLY B 20 -0.43 4.79 1.28
C GLY B 20 0.13 5.75 2.29
N MET B 21 -0.54 5.88 3.44
CA MET B 21 0.03 6.68 4.53
C MET B 21 1.41 6.17 4.91
N VAL B 22 1.51 4.86 5.02
CA VAL B 22 2.79 4.27 5.43
C VAL B 22 3.83 4.53 4.35
N LEU B 23 3.48 4.30 3.07
CA LEU B 23 4.46 4.54 2.00
C LEU B 23 4.99 5.99 1.99
N GLY B 24 4.10 6.95 2.13
CA GLY B 24 4.53 8.34 2.07
C GLY B 24 5.38 8.67 3.29
N ALA B 25 5.00 8.15 4.45
CA ALA B 25 5.80 8.41 5.66
C ALA B 25 7.19 7.78 5.56
N VAL B 26 7.27 6.60 5.00
CA VAL B 26 8.56 5.96 4.83
C VAL B 26 9.42 6.71 3.82
N ASN B 27 8.86 7.14 2.66
CA ASN B 27 9.71 7.92 1.74
C ASN B 27 10.22 9.19 2.45
N LYS B 28 9.37 9.87 3.21
CA LYS B 28 9.82 11.08 3.88
C LYS B 28 10.87 10.74 4.94
N ALA B 29 10.67 9.70 5.76
CA ALA B 29 11.68 9.38 6.76
C ALA B 29 13.02 9.03 6.16
N LEU B 30 12.98 8.45 4.96
CA LEU B 30 14.18 8.00 4.29
C LEU B 30 14.98 9.11 3.59
N VAL B 31 14.43 10.33 3.45
CA VAL B 31 15.11 11.42 2.70
C VAL B 31 16.61 11.56 3.10
N PRO B 32 16.98 11.56 4.40
CA PRO B 32 18.42 11.70 4.70
C PRO B 32 19.32 10.54 4.25
N THR B 33 18.74 9.39 3.97
CA THR B 33 19.49 8.23 3.52
C THR B 33 19.67 8.17 2.02
N GLY B 34 18.89 8.98 1.32
CA GLY B 34 18.88 8.92 -0.13
C GLY B 34 18.13 7.73 -0.72
N LEU B 35 17.53 6.90 0.11
CA LEU B 35 16.79 5.73 -0.34
C LEU B 35 15.32 6.13 -0.49
N ARG B 36 14.55 5.25 -1.12
CA ARG B 36 13.10 5.35 -1.23
C ARG B 36 12.53 3.96 -0.87
N VAL B 37 11.22 3.83 -0.88
CA VAL B 37 10.65 2.58 -0.38
CA VAL B 37 10.69 2.59 -0.32
C VAL B 37 11.25 1.32 -1.03
N ARG B 38 11.35 1.35 -2.37
CA ARG B 38 11.84 0.10 -3.02
C ARG B 38 13.35 -0.16 -2.84
N SER B 39 14.18 0.87 -2.96
CA SER B 39 15.62 0.63 -2.76
C SER B 39 15.90 0.28 -1.32
N TYR B 40 15.19 0.92 -0.36
CA TYR B 40 15.29 0.48 1.01
C TYR B 40 14.92 -0.96 1.22
N SER B 41 13.82 -1.40 0.62
CA SER B 41 13.40 -2.78 0.80
C SER B 41 14.46 -3.76 0.29
N VAL B 42 15.04 -3.47 -0.89
CA VAL B 42 16.09 -4.37 -1.39
C VAL B 42 17.30 -4.44 -0.48
N LEU B 43 17.69 -3.27 0.02
CA LEU B 43 18.84 -3.20 0.95
C LEU B 43 18.54 -4.01 2.23
N VAL B 44 17.34 -3.85 2.80
CA VAL B 44 16.98 -4.57 4.00
C VAL B 44 17.02 -6.06 3.73
N LEU B 45 16.48 -6.47 2.58
CA LEU B 45 16.41 -7.92 2.31
C LEU B 45 17.80 -8.50 2.06
N ALA B 46 18.69 -7.73 1.50
CA ALA B 46 20.07 -8.20 1.33
C ALA B 46 20.75 -8.34 2.70
N CYS B 47 20.51 -7.35 3.57
CA CYS B 47 21.21 -7.37 4.87
C CYS B 47 20.75 -8.55 5.74
N GLU B 48 19.52 -9.03 5.52
CA GLU B 48 19.01 -10.12 6.35
C GLU B 48 19.80 -11.41 6.18
N GLN B 49 20.59 -11.54 5.10
CA GLN B 49 21.31 -12.76 4.80
C GLN B 49 22.80 -12.47 4.98
N ALA B 50 23.53 -13.45 5.46
CA ALA B 50 24.96 -13.27 5.63
C ALA B 50 25.67 -13.19 4.30
N GLU B 51 25.29 -14.02 3.36
CA GLU B 51 26.01 -14.04 2.11
C GLU B 51 25.33 -13.26 0.99
N GLY B 52 24.12 -12.81 1.23
CA GLY B 52 23.35 -12.15 0.19
C GLY B 52 22.04 -12.86 -0.08
N VAL B 53 21.24 -12.19 -0.91
CA VAL B 53 19.89 -12.65 -1.25
C VAL B 53 19.75 -12.72 -2.78
N ASN B 54 19.03 -13.75 -3.21
CA ASN B 54 18.71 -13.94 -4.60
C ASN B 54 17.70 -12.95 -5.17
N GLN B 55 17.92 -12.45 -6.39
CA GLN B 55 16.99 -11.49 -7.03
C GLN B 55 15.55 -12.01 -7.04
N ARG B 56 15.38 -13.30 -7.28
CA ARG B 56 14.03 -13.84 -7.35
C ARG B 56 13.35 -13.81 -6.00
N GLY B 57 14.09 -14.06 -4.94
CA GLY B 57 13.60 -13.95 -3.57
C GLY B 57 13.17 -12.53 -3.23
N VAL B 58 14.00 -11.57 -3.61
CA VAL B 58 13.66 -10.20 -3.38
C VAL B 58 12.36 -9.82 -4.08
N ALA B 59 12.29 -10.21 -5.36
CA ALA B 59 11.12 -9.90 -6.17
C ALA B 59 9.84 -10.47 -5.57
N ALA B 60 9.90 -11.72 -5.12
CA ALA B 60 8.75 -12.42 -4.57
C ALA B 60 8.32 -11.74 -3.28
N THR B 61 9.30 -11.33 -2.46
CA THR B 61 8.92 -10.66 -1.20
C THR B 61 8.25 -9.32 -1.46
N MET B 62 8.72 -8.61 -2.49
CA MET B 62 8.17 -7.29 -2.82
C MET B 62 6.96 -7.37 -3.72
N GLY B 63 6.57 -8.56 -4.19
CA GLY B 63 5.45 -8.71 -5.14
C GLY B 63 5.73 -8.13 -6.50
N LEU B 64 7.00 -8.15 -6.94
CA LEU B 64 7.40 -7.52 -8.22
C LEU B 64 7.96 -8.58 -9.13
N ASP B 65 7.92 -8.34 -10.44
CA ASP B 65 8.74 -9.14 -11.34
C ASP B 65 10.22 -8.94 -11.09
N PRO B 66 11.00 -9.98 -11.28
CA PRO B 66 12.44 -9.82 -11.08
C PRO B 66 13.06 -8.73 -11.97
N SER B 67 12.49 -8.47 -13.17
CA SER B 67 13.06 -7.45 -14.04
C SER B 67 12.98 -6.08 -13.38
N GLN B 68 12.06 -5.93 -12.45
CA GLN B 68 11.89 -4.62 -11.81
CA GLN B 68 11.87 -4.61 -11.80
C GLN B 68 12.87 -4.41 -10.68
N ILE B 69 13.59 -5.46 -10.31
CA ILE B 69 14.52 -5.36 -9.20
C ILE B 69 15.92 -4.99 -9.71
N VAL B 70 16.21 -5.25 -10.99
CA VAL B 70 17.55 -5.04 -11.50
C VAL B 70 18.02 -3.59 -11.30
N GLY B 71 17.17 -2.62 -11.63
CA GLY B 71 17.55 -1.23 -11.49
C GLY B 71 17.72 -0.73 -10.07
N LEU B 72 16.96 -1.33 -9.13
CA LEU B 72 17.13 -1.03 -7.74
C LEU B 72 18.49 -1.51 -7.24
N VAL B 73 18.85 -2.73 -7.65
CA VAL B 73 20.20 -3.24 -7.34
C VAL B 73 21.26 -2.37 -7.99
N ASP B 74 21.03 -1.91 -9.24
CA ASP B 74 22.02 -1.04 -9.88
C ASP B 74 22.22 0.22 -9.05
N GLU B 75 21.11 0.80 -8.58
CA GLU B 75 21.19 2.02 -7.77
C GLU B 75 22.00 1.77 -6.50
N LEU B 76 21.71 0.68 -5.81
CA LEU B 76 22.41 0.41 -4.58
C LEU B 76 23.86 0.08 -4.86
N GLU B 77 24.12 -0.58 -5.99
CA GLU B 77 25.47 -0.96 -6.41
CA GLU B 77 25.50 -0.96 -6.29
C GLU B 77 26.33 0.29 -6.63
N GLU B 78 25.75 1.24 -7.35
CA GLU B 78 26.48 2.45 -7.69
C GLU B 78 26.86 3.24 -6.45
N ARG B 79 26.06 3.11 -5.37
CA ARG B 79 26.39 3.78 -4.12
C ARG B 79 27.28 2.96 -3.23
N GLY B 80 27.67 1.76 -3.67
CA GLY B 80 28.56 0.95 -2.86
C GLY B 80 27.87 0.29 -1.65
N LEU B 81 26.57 0.12 -1.76
CA LEU B 81 25.79 -0.41 -0.65
C LEU B 81 25.55 -1.91 -0.80
N VAL B 82 25.52 -2.41 -2.04
CA VAL B 82 25.46 -3.87 -2.27
C VAL B 82 26.42 -4.18 -3.37
N VAL B 83 26.76 -5.47 -3.49
CA VAL B 83 27.59 -5.95 -4.56
CA VAL B 83 27.53 -5.92 -4.64
C VAL B 83 26.90 -7.17 -5.18
N ARG B 84 26.96 -7.30 -6.48
CA ARG B 84 26.51 -8.54 -7.10
C ARG B 84 27.63 -9.56 -6.99
N THR B 85 27.37 -10.64 -6.28
CA THR B 85 28.38 -11.66 -6.07
C THR B 85 27.84 -13.03 -6.44
N LEU B 86 28.63 -14.07 -6.19
CA LEU B 86 28.19 -15.42 -6.53
C LEU B 86 28.18 -16.13 -5.22
N ASP B 87 27.10 -16.88 -4.96
CA ASP B 87 26.98 -17.71 -3.79
C ASP B 87 28.21 -18.61 -3.69
N PRO B 88 28.98 -18.47 -2.60
CA PRO B 88 30.12 -19.39 -2.41
C PRO B 88 29.67 -20.88 -2.37
N SER B 89 28.40 -21.14 -2.05
CA SER B 89 27.94 -22.54 -2.00
C SER B 89 27.34 -23.06 -3.30
N ASP B 90 27.20 -22.17 -4.29
CA ASP B 90 26.70 -22.53 -5.62
C ASP B 90 27.00 -21.38 -6.55
N ARG B 91 28.05 -21.47 -7.38
CA ARG B 91 28.41 -20.27 -8.13
C ARG B 91 27.43 -19.93 -9.23
N ARG B 92 26.44 -20.79 -9.46
CA ARG B 92 25.39 -20.48 -10.41
CA ARG B 92 25.38 -20.48 -10.40
C ARG B 92 24.30 -19.61 -9.76
N ASN B 93 24.34 -19.50 -8.43
CA ASN B 93 23.35 -18.74 -7.67
C ASN B 93 23.89 -17.32 -7.46
N LYS B 94 23.36 -16.37 -8.20
CA LYS B 94 23.81 -15.01 -8.07
C LYS B 94 23.16 -14.38 -6.85
N LEU B 95 23.96 -13.71 -6.03
CA LEU B 95 23.44 -13.06 -4.83
C LEU B 95 23.67 -11.58 -4.83
N ILE B 96 22.75 -10.85 -4.21
CA ILE B 96 22.89 -9.44 -3.92
C ILE B 96 23.35 -9.33 -2.48
N ALA B 97 24.60 -8.94 -2.30
CA ALA B 97 25.19 -8.92 -0.94
C ALA B 97 25.43 -7.52 -0.44
N ALA B 98 25.04 -7.27 0.80
CA ALA B 98 25.30 -5.99 1.37
C ALA B 98 26.75 -5.78 1.71
N THR B 99 27.22 -4.55 1.53
CA THR B 99 28.56 -4.21 1.95
C THR B 99 28.58 -3.70 3.38
N GLU B 100 29.76 -3.51 3.96
CA GLU B 100 29.83 -2.86 5.27
C GLU B 100 29.08 -1.52 5.30
N GLU B 101 29.26 -0.71 4.25
CA GLU B 101 28.57 0.58 4.19
C GLU B 101 27.04 0.43 4.02
N GLY B 102 26.65 -0.56 3.23
CA GLY B 102 25.24 -0.91 3.13
C GLY B 102 24.62 -1.33 4.47
N ARG B 103 25.36 -2.09 5.26
CA ARG B 103 24.81 -2.52 6.55
C ARG B 103 24.68 -1.32 7.47
N ARG B 104 25.67 -0.42 7.41
CA ARG B 104 25.61 0.75 8.29
C ARG B 104 24.42 1.66 7.90
N LEU B 105 24.19 1.83 6.60
CA LEU B 105 23.07 2.65 6.15
C LEU B 105 21.76 1.97 6.45
N ARG B 106 21.76 0.65 6.34
CA ARG B 106 20.52 -0.07 6.60
C ARG B 106 20.14 0.07 8.07
N ASP B 107 21.12 0.14 8.98
CA ASP B 107 20.81 0.32 10.39
C ASP B 107 20.22 1.72 10.61
N ASP B 108 20.82 2.73 9.99
CA ASP B 108 20.33 4.11 10.09
C ASP B 108 18.91 4.22 9.51
N ALA B 109 18.73 3.62 8.35
CA ALA B 109 17.48 3.75 7.67
C ALA B 109 16.33 3.01 8.39
N LYS B 110 16.64 1.82 8.95
CA LYS B 110 15.61 1.08 9.62
C LYS B 110 15.21 1.80 10.93
N ALA B 111 16.17 2.45 11.57
CA ALA B 111 15.83 3.22 12.78
C ALA B 111 14.80 4.34 12.39
N ARG B 112 15.07 5.06 11.31
CA ARG B 112 14.12 6.08 10.82
C ARG B 112 12.78 5.53 10.45
N VAL B 113 12.78 4.42 9.72
CA VAL B 113 11.53 3.83 9.30
C VAL B 113 10.73 3.23 10.48
N ASP B 114 11.43 2.59 11.43
CA ASP B 114 10.77 2.10 12.64
C ASP B 114 10.04 3.26 13.38
N ALA B 115 10.74 4.39 13.51
CA ALA B 115 10.15 5.49 14.28
C ALA B 115 8.99 6.08 13.54
N ALA B 116 9.12 6.15 12.20
CA ALA B 116 8.07 6.67 11.36
C ALA B 116 6.85 5.74 11.45
N HIS B 117 7.04 4.43 11.54
CA HIS B 117 5.88 3.51 11.68
C HIS B 117 5.18 3.73 13.00
N GLY B 118 5.90 4.19 14.03
CA GLY B 118 5.31 4.21 15.37
C GLY B 118 4.11 5.08 15.55
N ARG B 119 4.10 6.18 14.82
CA ARG B 119 2.98 7.11 14.78
C ARG B 119 1.67 6.37 14.47
N TYR B 120 1.76 5.34 13.62
CA TYR B 120 0.55 4.65 13.25
C TYR B 120 0.25 3.42 14.08
N PHE B 121 1.29 2.73 14.54
CA PHE B 121 1.09 1.37 15.10
C PHE B 121 1.38 1.22 16.57
N GLU B 122 2.11 2.17 17.17
CA GLU B 122 2.52 1.98 18.56
C GLU B 122 1.32 1.83 19.48
N GLY B 123 0.25 2.58 19.23
CA GLY B 123 -0.90 2.57 20.12
C GLY B 123 -1.86 1.42 19.94
N ILE B 124 -1.59 0.54 19.01
CA ILE B 124 -2.54 -0.56 18.77
C ILE B 124 -2.24 -1.73 19.72
N PRO B 125 -3.27 -2.34 20.31
CA PRO B 125 -2.98 -3.49 21.20
C PRO B 125 -2.21 -4.58 20.47
N ASP B 126 -1.28 -5.24 21.19
CA ASP B 126 -0.40 -6.22 20.58
C ASP B 126 -1.23 -7.35 19.97
N THR B 127 -2.31 -7.74 20.64
CA THR B 127 -3.07 -8.86 20.11
C THR B 127 -3.79 -8.53 18.79
N VAL B 128 -4.14 -7.25 18.65
CA VAL B 128 -4.71 -6.74 17.40
C VAL B 128 -3.69 -6.65 16.28
N VAL B 129 -2.50 -6.13 16.58
CA VAL B 129 -1.40 -6.11 15.61
C VAL B 129 -1.05 -7.50 15.16
N ASN B 130 -0.98 -8.44 16.09
CA ASN B 130 -0.56 -9.75 15.76
C ASN B 130 -1.55 -10.37 14.78
N GLN B 131 -2.85 -10.17 15.07
CA GLN B 131 -3.84 -10.71 14.13
C GLN B 131 -3.78 -10.04 12.77
N MET B 132 -3.59 -8.73 12.73
CA MET B 132 -3.46 -8.05 11.44
C MET B 132 -2.23 -8.61 10.67
N ARG B 133 -1.10 -8.73 11.38
CA ARG B 133 0.13 -9.22 10.73
C ARG B 133 -0.12 -10.55 10.06
N ASP B 134 -0.65 -11.49 10.81
CA ASP B 134 -0.81 -12.83 10.31
C ASP B 134 -1.83 -12.84 9.18
N THR B 135 -2.90 -12.04 9.27
CA THR B 135 -3.89 -12.00 8.21
C THR B 135 -3.27 -11.42 6.93
N LEU B 136 -2.51 -10.33 7.06
CA LEU B 136 -1.89 -9.70 5.88
C LEU B 136 -0.86 -10.67 5.28
N GLN B 137 -0.13 -11.40 6.12
CA GLN B 137 0.78 -12.41 5.54
C GLN B 137 0.06 -13.47 4.76
N SER B 138 -1.12 -13.90 5.23
CA SER B 138 -1.83 -14.95 4.51
CA SER B 138 -1.91 -14.92 4.54
C SER B 138 -2.33 -14.47 3.16
N ILE B 139 -2.52 -13.17 3.00
CA ILE B 139 -2.92 -12.58 1.73
C ILE B 139 -1.71 -12.33 0.83
N ALA B 140 -0.65 -11.71 1.35
CA ALA B 140 0.51 -11.42 0.51
C ALA B 140 1.30 -12.69 0.13
N PHE B 141 1.38 -13.63 1.08
CA PHE B 141 2.26 -14.81 0.98
C PHE B 141 1.49 -16.06 1.36
N PRO B 142 0.57 -16.50 0.49
CA PRO B 142 -0.30 -17.67 0.71
C PRO B 142 0.54 -18.92 1.00
N THR B 143 0.04 -19.78 1.88
CA THR B 143 0.76 -21.00 2.21
C THR B 143 0.09 -22.13 1.51
N PHE B 144 0.78 -23.28 1.51
CA PHE B 144 0.31 -24.45 0.81
C PHE B 144 0.17 -25.61 1.78
N VAL B 145 -0.26 -26.77 1.25
CA VAL B 145 -0.41 -28.03 1.98
C VAL B 145 0.90 -28.43 2.66
N GLU B 146 0.83 -28.97 3.88
CA GLU B 146 2.02 -29.52 4.53
C GLU B 146 2.49 -30.80 3.82
MG MG C . -8.80 14.13 -18.90
MG MG D . 1.72 5.76 -12.83
MG MG E . 0.90 0.47 -13.04
C ACT F . -3.42 3.13 -16.65
O ACT F . -2.68 2.16 -16.30
OXT ACT F . -4.26 2.91 -17.57
CH3 ACT F . -3.32 4.48 -16.00
CL CL G . -2.08 8.06 -8.24
CL CL H . -4.94 12.10 -7.85
C4 WCA I . -0.27 3.60 -4.50
C5 WCA I . -1.22 4.23 -3.69
C6 WCA I . -1.50 3.59 -2.43
C8 WCA I . -0.98 5.47 -5.51
N1 WCA I . -0.89 2.40 -2.16
N3 WCA I . 0.31 2.42 -4.19
CAV WCA I . -8.96 0.63 -3.07
CAT WCA I . -9.87 -0.35 -2.98
CBS WCA I . -11.21 0.00 -2.94
OAJ WCA I . -12.09 -1.09 -2.74
CAU WCA I . -11.63 1.33 -3.01
CAW WCA I . -10.71 2.35 -3.13
CBT WCA I . -9.36 1.95 -3.17
CAR WCA I . -8.23 2.87 -3.27
CAQ WCA I . -8.57 4.28 -3.05
CBP WCA I . -7.41 5.19 -2.93
OAD WCA I . -6.24 4.87 -3.08
SBO WCA I . -7.91 6.84 -2.52
CBA WCA I . -6.32 7.72 -2.33
CAY WCA I . -5.71 7.25 -1.01
NBH WCA I . -4.62 8.19 -0.69
CBQ WCA I . -3.23 8.02 -1.14
OAE WCA I . -2.95 7.06 -1.85
CBB WCA I . -2.30 9.11 -0.64
CAZ WCA I . -0.88 8.49 -0.31
NBI WCA I . -0.28 8.11 -1.57
CBR WCA I . 0.97 8.59 -1.91
OAF WCA I . 1.52 9.30 -1.09
CBX WCA I . 1.56 8.29 -3.24
OAK WCA I . 0.50 7.79 -4.04
CCD WCA I . 2.64 7.20 -3.16
CAA WCA I . 2.12 5.86 -2.62
CAB WCA I . 3.82 7.64 -2.27
CBD WCA I . 3.20 6.92 -4.57
OBK WCA I . 3.71 8.17 -5.09
PCG WCA I . 5.14 8.34 -5.76
OAP WCA I . 5.51 9.79 -5.62
OAI WCA I . 6.09 7.29 -5.32
OBN WCA I . 4.99 8.05 -7.32
PCF WCA I . 3.78 7.95 -8.33
OAO WCA I . 4.43 7.66 -9.70
OAH WCA I . 2.87 9.16 -8.20
O5' WCA I . 2.97 6.63 -7.87
C5' WCA I . 3.58 5.37 -7.88
C4' WCA I . 2.55 4.29 -7.99
O4' WCA I . 1.95 4.47 -6.51
C3' WCA I . 1.53 4.50 -8.93
O3' WCA I . 1.41 3.19 -9.58
PCE WCA I . 1.94 3.00 -11.11
OAM WCA I . 1.17 4.01 -11.92
OAN WCA I . 1.59 1.55 -11.44
OAG WCA I . 3.42 3.26 -11.05
C2' WCA I . 0.23 4.69 -8.04
O2' WCA I . -0.90 4.12 -8.64
C1' WCA I . 0.71 4.00 -6.72
N9 WCA I . -0.14 4.41 -5.63
N7 WCA I . -1.63 5.40 -4.31
C2 WCA I . -0.05 1.84 -2.99
N6 WCA I . -2.44 4.22 -1.59
C4 WCA J . -5.32 -2.45 -17.40
C5 WCA J . -5.65 -1.13 -17.73
C6 WCA J . -6.37 -0.90 -18.95
C8 WCA J . -4.55 -1.08 -15.81
N1 WCA J . -6.69 -1.97 -19.72
N3 WCA J . -5.69 -3.46 -18.24
CAV WCA J . 8.60 -1.01 2.57
CAT WCA J . 9.17 -0.79 3.79
CBS WCA J . 8.36 -0.23 4.79
OAJ WCA J . 8.93 0.01 6.06
CAU WCA J . 7.05 0.04 4.59
CAW WCA J . 6.44 -0.21 3.35
CBT WCA J . 7.23 -0.74 2.37
CAR WCA J . 6.54 -1.01 1.09
CAQ WCA J . 7.22 -1.79 0.07
CBP WCA J . 6.31 -2.16 -1.07
OAD WCA J . 5.12 -2.13 -1.13
SBO WCA J . 7.26 -2.74 -2.41
CBA WCA J . 5.91 -3.23 -3.53
CAY WCA J . 5.68 -2.12 -4.64
NBH WCA J . 4.83 -1.08 -4.17
CBQ WCA J . 5.32 0.30 -4.26
OAE WCA J . 6.38 0.62 -4.82
CBB WCA J . 4.42 1.38 -3.76
CAZ WCA J . 3.74 2.17 -4.91
NBI WCA J . 2.75 1.42 -5.70
CBR WCA J . 3.03 0.74 -6.88
OAF WCA J . 4.21 0.70 -7.24
CBX WCA J . 1.92 0.11 -7.70
OAK WCA J . 0.65 0.69 -7.25
CCD WCA J . 1.88 -1.42 -7.54
CAA WCA J . 1.39 -1.74 -6.10
CAB WCA J . 3.25 -2.07 -7.84
CBD WCA J . 0.81 -1.99 -8.52
OBK WCA J . 1.26 -1.46 -9.79
PCG WCA J . 0.67 -2.07 -11.15
OAP WCA J . 0.84 -3.56 -11.08
OAI WCA J . 1.38 -1.29 -12.28
OBN WCA J . -0.87 -1.85 -11.10
PCF WCA J . -1.85 -0.78 -11.67
OAO WCA J . -0.95 0.15 -12.48
OAH WCA J . -2.84 -0.30 -10.61
O5' WCA J . -2.76 -1.63 -12.71
C5' WCA J . -3.53 -2.75 -12.28
C4' WCA J . -3.65 -3.93 -13.19
O4' WCA J . -4.76 -3.56 -14.33
C3' WCA J . -2.53 -4.25 -13.87
O3' WCA J . -2.60 -5.65 -14.35
PCE WCA J . -1.62 -6.75 -13.77
OAM WCA J . -1.73 -6.76 -12.29
OAN WCA J . -0.21 -6.46 -14.19
OAG WCA J . -2.04 -8.09 -14.33
C2' WCA J . -2.60 -3.36 -15.13
O2' WCA J . -1.77 -3.76 -16.12
C1' WCA J . -4.13 -3.49 -15.48
N9 WCA J . -4.64 -2.36 -16.20
N7 WCA J . -5.15 -0.31 -16.73
C2 WCA J . -6.38 -3.19 -19.37
N6 WCA J . -6.72 0.44 -19.33
CL CL K . 19.94 -8.05 -9.80
#